data_6YML
#
_entry.id   6YML
#
_cell.length_a   86.218
_cell.length_b   86.218
_cell.length_c   75.395
_cell.angle_alpha   90.000
_cell.angle_beta   90.000
_cell.angle_gamma   120.000
#
_symmetry.space_group_name_H-M   'P 3 1 2'
#
loop_
_entity.id
_entity.type
_entity.pdbx_description
1 polymer 'Chains: A,C'
2 polymer 'Chains: B,D'
3 non-polymer 'ADENOSINE MONOPHOSPHATE'
4 non-polymer "5'-S-(3-aminopropyl)-5'-thioadenosine"
5 non-polymer 'SULFATE ION'
6 water water
#
loop_
_entity_poly.entity_id
_entity_poly.type
_entity_poly.pdbx_seq_one_letter_code
_entity_poly.pdbx_strand_id
1 'polyribonucleotide' GGU(CBV)ACAACGGCUUCCUGGCGUGACC A,C
2 'polyribonucleotide' AUUGGAGCA B,D
#